data_2FBD
#
_entry.id   2FBD
#
_cell.length_a   36.523
_cell.length_b   79.435
_cell.length_c   45.203
_cell.angle_alpha   90.00
_cell.angle_beta   102.97
_cell.angle_gamma   90.00
#
_symmetry.space_group_name_H-M   'P 1 21 1'
#
loop_
_entity.id
_entity.type
_entity.pdbx_description
1 polymer 'Lysozyme 1'
2 non-polymer 'SULFATE ION'
3 non-polymer DI(HYDROXYETHYL)ETHER
4 water water
#
_entity_poly.entity_id   1
_entity_poly.type   'polypeptide(L)'
_entity_poly.pdbx_seq_one_letter_code
;KTFTRCSLAREMYALGVPKSELPQWTCIAEHESSYRTNVVGPTNSNGSNDYGIFQINNYYWCQPSNGRFSYNECHLSCDA
LLTDNISNSVTCARKIKSQQGWTAWSTWKYCSGSLPSINDCF
;
_entity_poly.pdbx_strand_id   A,B
#
loop_
_chem_comp.id
_chem_comp.type
_chem_comp.name
_chem_comp.formula
PEG non-polymer DI(HYDROXYETHYL)ETHER 'C4 H10 O3'
SO4 non-polymer 'SULFATE ION' 'O4 S -2'
#
# COMPACT_ATOMS: atom_id res chain seq x y z
N LYS A 1 2.02 26.10 -4.78
N LYS A 1 5.42 27.09 -4.91
CA LYS A 1 3.50 26.15 -4.72
CA LYS A 1 4.12 26.37 -4.72
C LYS A 1 4.05 24.81 -4.22
C LYS A 1 4.42 24.94 -4.27
N THR A 2 4.46 24.78 -2.95
CA THR A 2 5.04 23.59 -2.35
C THR A 2 4.30 23.29 -1.07
N PHE A 3 3.89 22.05 -0.95
CA PHE A 3 3.23 21.60 0.24
C PHE A 3 4.29 21.17 1.21
N THR A 4 3.86 20.92 2.44
CA THR A 4 4.63 20.18 3.41
C THR A 4 3.88 18.86 3.62
N ARG A 5 4.52 17.97 4.34
CA ARG A 5 3.91 16.70 4.60
C ARG A 5 2.54 16.92 5.23
N CYS A 6 2.45 17.76 6.26
CA CYS A 6 1.16 17.91 6.95
C CYS A 6 0.14 18.70 6.19
N SER A 7 0.59 19.71 5.44
CA SER A 7 -0.38 20.46 4.65
C SER A 7 -0.97 19.58 3.54
N LEU A 8 -0.13 18.77 2.91
CA LEU A 8 -0.60 17.86 1.93
C LEU A 8 -1.52 16.83 2.58
N ALA A 9 -1.12 16.26 3.72
CA ALA A 9 -1.96 15.27 4.37
C ALA A 9 -3.33 15.85 4.72
N ARG A 10 -3.34 17.05 5.28
CA ARG A 10 -4.59 17.74 5.64
C ARG A 10 -5.47 17.95 4.44
N GLU A 11 -4.89 18.48 3.36
CA GLU A 11 -5.70 18.76 2.18
C GLU A 11 -6.21 17.45 1.58
N MET A 12 -5.36 16.44 1.55
CA MET A 12 -5.81 15.17 0.93
C MET A 12 -6.91 14.55 1.78
N TYR A 13 -6.75 14.62 3.10
CA TYR A 13 -7.81 14.19 4.01
C TYR A 13 -9.11 14.97 3.75
N ALA A 14 -8.99 16.29 3.59
CA ALA A 14 -10.18 17.10 3.34
C ALA A 14 -10.89 16.66 2.06
N LEU A 15 -10.10 16.23 1.10
CA LEU A 15 -10.62 15.82 -0.20
C LEU A 15 -11.08 14.34 -0.23
N GLY A 16 -10.97 13.68 0.92
CA GLY A 16 -11.62 12.40 1.12
C GLY A 16 -10.67 11.20 1.21
N VAL A 17 -9.38 11.46 1.23
CA VAL A 17 -8.40 10.38 1.26
C VAL A 17 -8.35 9.88 2.69
N PRO A 18 -8.49 8.56 2.90
CA PRO A 18 -8.44 8.15 4.30
C PRO A 18 -7.07 8.40 4.94
N LYS A 19 -7.06 8.69 6.24
CA LYS A 19 -5.81 8.86 6.99
C LYS A 19 -4.90 7.66 6.87
N SER A 20 -5.49 6.46 6.83
CA SER A 20 -4.71 5.23 6.75
C SER A 20 -3.84 5.15 5.50
N GLU A 21 -4.10 6.00 4.52
CA GLU A 21 -3.28 6.04 3.30
C GLU A 21 -2.31 7.21 3.28
N LEU A 22 -2.50 8.19 4.16
CA LEU A 22 -1.73 9.44 4.00
C LEU A 22 -0.22 9.35 4.11
N PRO A 23 0.32 8.57 5.07
CA PRO A 23 1.79 8.49 5.09
C PRO A 23 2.32 8.03 3.74
N GLN A 24 1.64 7.06 3.13
CA GLN A 24 2.07 6.57 1.82
C GLN A 24 1.98 7.66 0.76
N TRP A 25 0.83 8.34 0.68
CA TRP A 25 0.67 9.43 -0.29
C TRP A 25 1.73 10.52 -0.12
N THR A 26 1.99 10.92 1.12
CA THR A 26 2.96 12.01 1.32
C THR A 26 4.37 11.54 1.03
N CYS A 27 4.68 10.28 1.37
CA CYS A 27 6.01 9.72 1.06
C CYS A 27 6.19 9.74 -0.47
N ILE A 28 5.16 9.30 -1.19
CA ILE A 28 5.20 9.31 -2.64
C ILE A 28 5.35 10.73 -3.18
N ALA A 29 4.54 11.67 -2.70
CA ALA A 29 4.67 13.06 -3.15
C ALA A 29 6.08 13.59 -2.87
N GLU A 30 6.60 13.26 -1.69
CA GLU A 30 7.91 13.79 -1.32
C GLU A 30 8.95 13.34 -2.33
N HIS A 31 8.94 12.04 -2.64
CA HIS A 31 9.87 11.53 -3.63
C HIS A 31 9.60 12.02 -5.05
N GLU A 32 8.34 12.06 -5.45
CA GLU A 32 8.02 12.37 -6.85
C GLU A 32 8.29 13.85 -7.17
N SER A 33 7.87 14.73 -6.28
CA SER A 33 7.81 16.15 -6.61
C SER A 33 8.36 17.07 -5.55
N SER A 34 8.80 16.49 -4.42
CA SER A 34 9.14 17.25 -3.21
C SER A 34 7.96 18.13 -2.84
N TYR A 35 6.75 17.61 -3.05
CA TYR A 35 5.49 18.27 -2.72
C TYR A 35 5.17 19.49 -3.60
N ARG A 36 5.86 19.64 -4.71
CA ARG A 36 5.61 20.76 -5.61
C ARG A 36 4.45 20.42 -6.52
N THR A 37 3.53 21.37 -6.69
CA THR A 37 2.37 21.10 -7.54
C THR A 37 2.61 21.37 -9.03
N ASN A 38 3.50 22.29 -9.36
CA ASN A 38 3.63 22.75 -10.75
C ASN A 38 4.72 22.07 -11.60
N VAL A 39 5.26 20.97 -11.11
CA VAL A 39 6.43 20.36 -11.72
C VAL A 39 6.07 19.41 -12.88
N VAL A 40 6.78 19.54 -13.98
CA VAL A 40 6.71 18.56 -15.05
C VAL A 40 8.05 17.86 -15.00
N GLY A 41 8.04 16.54 -14.87
CA GLY A 41 9.27 15.79 -14.73
C GLY A 41 10.15 15.81 -15.96
N PRO A 42 11.42 15.40 -15.79
CA PRO A 42 12.28 15.21 -16.95
C PRO A 42 11.63 14.20 -17.89
N THR A 43 11.85 14.35 -19.18
CA THR A 43 11.26 13.42 -20.13
C THR A 43 11.72 12.00 -19.81
N ASN A 44 10.77 11.05 -19.78
CA ASN A 44 11.11 9.64 -19.52
C ASN A 44 11.76 8.97 -20.72
N SER A 45 12.26 7.74 -20.51
CA SER A 45 12.87 6.96 -21.57
C SER A 45 11.92 6.75 -22.76
N ASN A 46 10.63 6.64 -22.48
CA ASN A 46 9.63 6.49 -23.57
C ASN A 46 9.09 7.81 -24.12
N GLY A 47 9.73 8.93 -23.78
CA GLY A 47 9.34 10.25 -24.34
C GLY A 47 8.18 10.89 -23.61
N SER A 48 7.65 10.21 -22.60
CA SER A 48 6.53 10.74 -21.83
C SER A 48 7.04 11.71 -20.76
N ASN A 49 6.12 12.43 -20.15
CA ASN A 49 6.44 13.31 -19.04
C ASN A 49 5.38 13.12 -17.98
N ASP A 50 5.78 13.38 -16.74
CA ASP A 50 4.92 13.21 -15.60
C ASP A 50 4.62 14.57 -15.03
N TYR A 51 3.42 14.70 -14.49
CA TYR A 51 2.88 16.01 -14.16
C TYR A 51 2.48 16.09 -12.72
N GLY A 52 2.94 17.16 -12.07
CA GLY A 52 2.35 17.57 -10.81
C GLY A 52 2.90 16.84 -9.62
N ILE A 53 2.22 17.05 -8.51
CA ILE A 53 2.68 16.61 -7.18
C ILE A 53 2.89 15.10 -7.10
N PHE A 54 2.11 14.35 -7.86
CA PHE A 54 2.24 12.90 -7.90
C PHE A 54 2.88 12.42 -9.17
N GLN A 55 3.38 13.35 -10.00
CA GLN A 55 4.12 12.96 -11.22
C GLN A 55 3.36 11.91 -12.01
N ILE A 56 2.21 12.33 -12.50
CA ILE A 56 1.26 11.46 -13.17
C ILE A 56 1.58 11.49 -14.66
N ASN A 57 1.68 10.30 -15.23
CA ASN A 57 2.16 10.14 -16.58
C ASN A 57 1.22 10.58 -17.70
N ASN A 58 1.77 11.28 -18.69
CA ASN A 58 0.99 11.80 -19.80
C ASN A 58 0.76 10.84 -20.96
N TYR A 59 1.20 9.59 -20.84
CA TYR A 59 0.83 8.58 -21.85
C TYR A 59 -0.41 7.79 -21.38
N TYR A 60 -0.58 7.64 -20.07
CA TYR A 60 -1.65 6.82 -19.52
C TYR A 60 -2.79 7.61 -18.90
N TRP A 61 -2.46 8.70 -18.22
CA TRP A 61 -3.40 9.27 -17.26
C TRP A 61 -4.00 10.62 -17.64
N CYS A 62 -3.22 11.45 -18.31
CA CYS A 62 -3.71 12.78 -18.70
C CYS A 62 -3.41 13.05 -20.16
N GLN A 63 -4.21 13.92 -20.74
CA GLN A 63 -4.09 14.24 -22.15
C GLN A 63 -3.12 15.41 -22.33
N PRO A 64 -1.98 15.17 -22.99
CA PRO A 64 -1.13 16.27 -23.41
C PRO A 64 -1.89 17.25 -24.29
N SER A 65 -1.67 18.53 -24.02
CA SER A 65 -2.31 19.63 -24.75
C SER A 65 -1.90 19.63 -26.20
N ASN A 66 -0.72 19.07 -26.47
CA ASN A 66 -0.19 18.96 -27.82
C ASN A 66 -0.95 17.94 -28.66
N GLY A 67 -1.91 17.25 -28.05
CA GLY A 67 -2.76 16.30 -28.78
C GLY A 67 -2.15 14.93 -29.04
N ARG A 68 -0.90 14.73 -28.61
CA ARG A 68 -0.26 13.44 -28.73
C ARG A 68 -1.13 12.42 -28.03
N PHE A 69 -1.18 11.20 -28.57
CA PHE A 69 -2.04 10.18 -27.99
C PHE A 69 -1.69 9.95 -26.53
N SER A 70 -2.73 9.81 -25.73
CA SER A 70 -2.65 9.34 -24.36
C SER A 70 -3.92 8.56 -24.08
N TYR A 71 -3.83 7.56 -23.23
CA TYR A 71 -5.02 6.89 -22.77
C TYR A 71 -5.89 7.84 -21.95
N ASN A 72 -5.28 8.92 -21.47
CA ASN A 72 -6.01 9.92 -20.67
C ASN A 72 -7.05 9.28 -19.73
N GLU A 73 -6.60 8.33 -18.92
CA GLU A 73 -7.51 7.57 -18.06
C GLU A 73 -8.10 8.42 -16.96
N CYS A 74 -7.41 9.48 -16.55
CA CYS A 74 -8.00 10.41 -15.59
C CYS A 74 -8.96 11.42 -16.21
N HIS A 75 -9.00 11.44 -17.54
CA HIS A 75 -9.87 12.34 -18.30
C HIS A 75 -9.66 13.81 -17.99
N LEU A 76 -8.42 14.26 -18.14
CA LEU A 76 -8.10 15.68 -17.97
C LEU A 76 -6.85 16.05 -18.72
N SER A 77 -6.66 17.36 -18.93
CA SER A 77 -5.44 17.78 -19.58
C SER A 77 -4.36 17.58 -18.54
N CYS A 78 -3.15 17.33 -18.99
CA CYS A 78 -2.04 17.22 -18.05
C CYS A 78 -1.86 18.53 -17.32
N ASP A 79 -2.16 19.66 -17.98
CA ASP A 79 -2.07 20.94 -17.29
C ASP A 79 -2.98 21.03 -16.07
N ALA A 80 -4.11 20.32 -16.08
CA ALA A 80 -4.99 20.26 -14.91
C ALA A 80 -4.27 19.67 -13.71
N LEU A 81 -3.17 18.97 -13.96
CA LEU A 81 -2.45 18.32 -12.88
C LEU A 81 -1.34 19.18 -12.32
N LEU A 82 -1.25 20.43 -12.78
CA LEU A 82 -0.18 21.33 -12.35
C LEU A 82 -0.72 22.51 -11.55
N THR A 83 -2.01 22.47 -11.25
CA THR A 83 -2.69 23.61 -10.61
C THR A 83 -2.36 23.68 -9.12
N ASP A 84 -2.48 24.87 -8.53
CA ASP A 84 -2.23 25.04 -7.11
C ASP A 84 -3.20 24.17 -6.31
N ASN A 85 -4.42 24.04 -6.83
CA ASN A 85 -5.45 23.22 -6.21
C ASN A 85 -5.12 21.78 -6.56
N ILE A 86 -4.84 20.95 -5.55
CA ILE A 86 -4.46 19.57 -5.83
C ILE A 86 -5.60 18.59 -6.14
N SER A 87 -6.85 19.06 -6.12
CA SER A 87 -8.01 18.15 -6.18
C SER A 87 -7.93 17.22 -7.40
N ASN A 88 -7.66 17.79 -8.59
CA ASN A 88 -7.47 16.99 -9.82
C ASN A 88 -6.38 15.94 -9.68
N SER A 89 -5.24 16.33 -9.13
CA SER A 89 -4.13 15.38 -8.93
C SER A 89 -4.53 14.28 -7.95
N VAL A 90 -5.25 14.65 -6.91
CA VAL A 90 -5.66 13.70 -5.89
C VAL A 90 -6.63 12.71 -6.50
N THR A 91 -7.66 13.23 -7.17
CA THR A 91 -8.66 12.38 -7.77
C THR A 91 -7.96 11.43 -8.77
N CYS A 92 -7.09 11.98 -9.61
CA CYS A 92 -6.37 11.14 -10.54
C CYS A 92 -5.48 10.11 -9.85
N ALA A 93 -4.68 10.54 -8.87
CA ALA A 93 -3.82 9.62 -8.10
C ALA A 93 -4.60 8.47 -7.46
N ARG A 94 -5.76 8.78 -6.88
CA ARG A 94 -6.61 7.74 -6.30
C ARG A 94 -7.08 6.73 -7.35
N LYS A 95 -7.45 7.24 -8.53
CA LYS A 95 -7.79 6.38 -9.65
C LYS A 95 -6.62 5.47 -10.03
N ILE A 96 -5.43 6.06 -10.14
CA ILE A 96 -4.24 5.28 -10.50
C ILE A 96 -4.03 4.18 -9.45
N LYS A 97 -4.11 4.57 -8.18
CA LYS A 97 -4.00 3.56 -7.12
C LYS A 97 -5.08 2.49 -7.19
N SER A 98 -6.33 2.91 -7.43
CA SER A 98 -7.41 1.93 -7.57
C SER A 98 -7.14 0.91 -8.67
N GLN A 99 -6.65 1.39 -9.81
CA GLN A 99 -6.49 0.56 -10.98
C GLN A 99 -5.17 -0.21 -10.99
N GLN A 100 -4.11 0.41 -10.50
CA GLN A 100 -2.77 -0.14 -10.70
C GLN A 100 -2.07 -0.41 -9.37
N GLY A 101 -2.62 0.15 -8.30
CA GLY A 101 -2.04 -0.05 -6.99
C GLY A 101 -0.93 0.95 -6.74
N TRP A 102 -0.42 0.95 -5.51
CA TRP A 102 0.70 1.80 -5.14
C TRP A 102 1.90 1.61 -6.06
N THR A 103 2.09 0.38 -6.56
CA THR A 103 3.28 0.11 -7.41
C THR A 103 3.26 0.84 -8.73
N ALA A 104 2.13 1.49 -9.06
CA ALA A 104 2.14 2.42 -10.19
C ALA A 104 3.25 3.46 -10.08
N TRP A 105 3.59 3.87 -8.85
CA TRP A 105 4.66 4.83 -8.64
C TRP A 105 5.96 4.11 -8.46
N SER A 106 6.98 4.50 -9.23
CA SER A 106 8.30 3.93 -9.02
C SER A 106 8.85 4.22 -7.63
N THR A 107 8.39 5.29 -7.02
CA THR A 107 8.90 5.68 -5.71
C THR A 107 8.23 4.90 -4.56
N TRP A 108 7.20 4.11 -4.89
CA TRP A 108 6.53 3.24 -3.90
C TRP A 108 7.53 2.38 -3.16
N LYS A 109 8.59 1.96 -3.85
CA LYS A 109 9.63 1.12 -3.26
C LYS A 109 10.25 1.74 -2.01
N TYR A 110 10.15 3.05 -1.89
CA TYR A 110 10.69 3.78 -0.74
C TYR A 110 9.67 3.96 0.35
N CYS A 111 8.40 3.76 -0.01
CA CYS A 111 7.27 4.11 0.83
C CYS A 111 6.44 2.93 1.29
N SER A 112 6.96 1.72 1.10
CA SER A 112 6.11 0.54 1.21
C SER A 112 6.22 -0.12 2.57
N GLY A 113 7.00 0.51 3.44
CA GLY A 113 7.30 -0.09 4.74
C GLY A 113 6.84 0.81 5.85
N SER A 114 7.58 0.77 6.95
CA SER A 114 7.36 1.63 8.06
C SER A 114 7.41 3.05 7.58
N LEU A 115 6.47 3.85 8.06
CA LEU A 115 6.40 5.27 7.75
C LEU A 115 5.91 5.91 9.05
N PRO A 116 6.25 7.20 9.28
CA PRO A 116 5.75 7.91 10.47
C PRO A 116 4.25 7.99 10.41
N SER A 117 3.64 7.99 11.59
CA SER A 117 2.20 8.21 11.71
C SER A 117 1.87 9.61 11.21
N ILE A 118 0.68 9.79 10.64
CA ILE A 118 0.28 11.07 10.11
C ILE A 118 -0.45 11.89 11.18
N ASN A 119 -0.59 11.30 12.36
CA ASN A 119 -1.46 11.88 13.38
C ASN A 119 -1.04 13.26 13.83
N ASP A 120 0.28 13.52 13.79
CA ASP A 120 0.81 14.83 14.13
C ASP A 120 0.40 15.91 13.15
N CYS A 121 -0.14 15.51 12.00
CA CYS A 121 -0.66 16.46 11.04
C CYS A 121 -2.08 16.91 11.36
N PHE A 122 -2.72 16.22 12.31
CA PHE A 122 -4.15 16.43 12.55
C PHE A 122 -4.46 17.00 13.91
N LYS B 1 -1.60 -23.59 16.49
CA LYS B 1 -0.60 -22.84 17.32
C LYS B 1 -0.99 -21.36 17.47
N THR B 2 -0.66 -20.78 18.63
CA THR B 2 -0.93 -19.35 18.86
C THR B 2 0.35 -18.63 19.30
N PHE B 3 0.66 -17.54 18.62
CA PHE B 3 1.78 -16.69 18.95
C PHE B 3 1.34 -15.64 19.96
N THR B 4 2.32 -14.99 20.57
CA THR B 4 2.08 -13.77 21.30
C THR B 4 2.71 -12.69 20.46
N ARG B 5 2.43 -11.43 20.79
CA ARG B 5 3.01 -10.31 20.06
C ARG B 5 4.53 -10.48 19.97
N CYS B 6 5.17 -10.75 21.09
CA CYS B 6 6.64 -10.78 21.10
C CYS B 6 7.20 -12.03 20.45
N SER B 7 6.53 -13.17 20.62
CA SER B 7 7.01 -14.40 19.96
C SER B 7 6.91 -14.23 18.44
N LEU B 8 5.82 -13.63 17.97
CA LEU B 8 5.69 -13.35 16.56
C LEU B 8 6.74 -12.33 16.11
N ALA B 9 6.93 -11.26 16.86
CA ALA B 9 7.91 -10.26 16.48
C ALA B 9 9.28 -10.91 16.36
N ARG B 10 9.62 -11.76 17.34
CA ARG B 10 10.93 -12.39 17.34
C ARG B 10 11.09 -13.30 16.14
N GLU B 11 10.10 -14.15 15.87
CA GLU B 11 10.21 -15.05 14.72
C GLU B 11 10.23 -14.25 13.43
N MET B 12 9.39 -13.24 13.32
CA MET B 12 9.40 -12.47 12.08
C MET B 12 10.73 -11.76 11.88
N TYR B 13 11.26 -11.20 12.96
CA TYR B 13 12.59 -10.60 12.89
C TYR B 13 13.64 -11.64 12.44
N ALA B 14 13.62 -12.82 13.04
CA ALA B 14 14.55 -13.86 12.67
C ALA B 14 14.44 -14.18 11.17
N LEU B 15 13.22 -14.14 10.68
CA LEU B 15 12.95 -14.44 9.27
C LEU B 15 13.30 -13.26 8.33
N GLY B 16 13.82 -12.18 8.90
CA GLY B 16 14.32 -11.06 8.09
C GLY B 16 13.41 -9.85 7.97
N VAL B 17 12.34 -9.83 8.74
CA VAL B 17 11.42 -8.69 8.71
C VAL B 17 12.09 -7.61 9.56
N PRO B 18 12.14 -6.36 9.05
CA PRO B 18 12.78 -5.29 9.79
C PRO B 18 12.05 -5.02 11.09
N LYS B 19 12.81 -4.75 12.14
CA LYS B 19 12.20 -4.48 13.42
C LYS B 19 11.16 -3.42 13.32
N SER B 20 11.42 -2.40 12.51
CA SER B 20 10.51 -1.25 12.43
C SER B 20 9.09 -1.66 12.00
N GLU B 21 8.97 -2.74 11.23
CA GLU B 21 7.68 -3.19 10.72
C GLU B 21 6.88 -4.01 11.71
N LEU B 22 7.52 -4.41 12.80
CA LEU B 22 6.93 -5.45 13.62
C LEU B 22 5.72 -4.99 14.44
N PRO B 23 5.72 -3.75 14.97
CA PRO B 23 4.47 -3.34 15.61
C PRO B 23 3.30 -3.49 14.65
N GLN B 24 3.52 -3.10 13.41
CA GLN B 24 2.44 -3.18 12.42
C GLN B 24 2.08 -4.61 12.10
N TRP B 25 3.08 -5.45 11.88
CA TRP B 25 2.76 -6.85 11.55
C TRP B 25 2.03 -7.55 12.69
N THR B 26 2.46 -7.30 13.92
CA THR B 26 1.82 -7.98 15.03
C THR B 26 0.42 -7.42 15.27
N CYS B 27 0.24 -6.12 15.06
CA CYS B 27 -1.09 -5.52 15.17
C CYS B 27 -2.01 -6.20 14.15
N ILE B 28 -1.53 -6.35 12.92
CA ILE B 28 -2.32 -6.96 11.86
C ILE B 28 -2.63 -8.41 12.22
N ALA B 29 -1.61 -9.14 12.65
CA ALA B 29 -1.83 -10.52 13.06
C ALA B 29 -2.86 -10.62 14.19
N GLU B 30 -2.73 -9.73 15.18
CA GLU B 30 -3.66 -9.74 16.30
C GLU B 30 -5.10 -9.60 15.82
N HIS B 31 -5.31 -8.63 14.94
CA HIS B 31 -6.63 -8.40 14.38
C HIS B 31 -7.11 -9.52 13.47
N GLU B 32 -6.25 -9.97 12.57
CA GLU B 32 -6.65 -10.96 11.57
C GLU B 32 -6.92 -12.33 12.16
N SER B 33 -6.04 -12.79 13.04
CA SER B 33 -6.07 -14.21 13.42
C SER B 33 -5.93 -14.43 14.92
N SER B 34 -5.89 -13.35 15.69
CA SER B 34 -5.51 -13.42 17.12
C SER B 34 -4.24 -14.25 17.27
N TYR B 35 -3.34 -14.07 16.30
CA TYR B 35 -2.01 -14.70 16.29
C TYR B 35 -2.03 -16.21 16.01
N ARG B 36 -3.15 -16.73 15.55
CA ARG B 36 -3.25 -18.16 15.30
C ARG B 36 -2.74 -18.48 13.90
N THR B 37 -1.90 -19.48 13.80
CA THR B 37 -1.37 -19.86 12.48
C THR B 37 -2.36 -20.69 11.65
N ASN B 38 -3.20 -21.48 12.30
CA ASN B 38 -4.02 -22.44 11.57
C ASN B 38 -5.41 -21.98 11.14
N VAL B 39 -5.65 -20.68 11.10
CA VAL B 39 -7.02 -20.20 10.93
C VAL B 39 -7.39 -20.08 9.49
N VAL B 40 -8.57 -20.60 9.14
CA VAL B 40 -9.22 -20.27 7.90
C VAL B 40 -10.40 -19.39 8.24
N GLY B 41 -10.37 -18.17 7.74
CA GLY B 41 -11.41 -17.22 8.07
C GLY B 41 -12.78 -17.63 7.57
N PRO B 42 -13.83 -17.00 8.09
CA PRO B 42 -15.17 -17.25 7.62
C PRO B 42 -15.22 -16.92 6.14
N THR B 43 -16.01 -17.66 5.39
CA THR B 43 -16.09 -17.40 3.95
C THR B 43 -16.58 -15.99 3.67
N ASN B 44 -15.87 -15.30 2.77
CA ASN B 44 -16.18 -13.94 2.38
C ASN B 44 -17.35 -13.93 1.45
N SER B 45 -17.92 -12.75 1.20
CA SER B 45 -19.12 -12.62 0.38
C SER B 45 -18.89 -13.10 -1.05
N ASN B 46 -17.63 -13.09 -1.49
CA ASN B 46 -17.31 -13.60 -2.83
C ASN B 46 -16.89 -15.09 -2.82
N GLY B 47 -17.10 -15.76 -1.70
CA GLY B 47 -16.84 -17.18 -1.63
C GLY B 47 -15.40 -17.49 -1.36
N SER B 48 -14.57 -16.46 -1.28
CA SER B 48 -13.16 -16.64 -0.90
C SER B 48 -12.99 -16.87 0.59
N ASN B 49 -11.79 -17.35 0.94
CA ASN B 49 -11.41 -17.56 2.31
C ASN B 49 -10.00 -17.03 2.52
N ASP B 50 -9.75 -16.58 3.73
CA ASP B 50 -8.49 -16.05 4.12
C ASP B 50 -7.76 -17.05 5.03
N TYR B 51 -6.45 -17.11 4.88
CA TYR B 51 -5.66 -18.20 5.45
C TYR B 51 -4.56 -17.73 6.33
N GLY B 52 -4.51 -18.31 7.52
CA GLY B 52 -3.35 -18.21 8.37
C GLY B 52 -3.29 -16.96 9.18
N ILE B 53 -2.11 -16.72 9.72
CA ILE B 53 -1.95 -15.71 10.73
C ILE B 53 -2.22 -14.31 10.22
N PHE B 54 -1.95 -14.07 8.93
CA PHE B 54 -2.25 -12.79 8.31
C PHE B 54 -3.50 -12.82 7.45
N GLN B 55 -4.23 -13.93 7.51
CA GLN B 55 -5.51 -14.04 6.79
C GLN B 55 -5.37 -13.60 5.32
N ILE B 56 -4.58 -14.38 4.61
CA ILE B 56 -4.23 -14.07 3.25
C ILE B 56 -5.24 -14.75 2.32
N ASN B 57 -5.75 -13.97 1.37
CA ASN B 57 -6.92 -14.37 0.57
C ASN B 57 -6.61 -15.38 -0.52
N ASN B 58 -7.47 -16.37 -0.66
CA ASN B 58 -7.23 -17.48 -1.58
C ASN B 58 -7.67 -17.24 -3.01
N TYR B 59 -8.15 -16.04 -3.31
CA TYR B 59 -8.51 -15.69 -4.68
C TYR B 59 -7.32 -15.01 -5.37
N TYR B 60 -6.49 -14.34 -4.57
CA TYR B 60 -5.36 -13.57 -5.09
C TYR B 60 -3.99 -14.13 -4.79
N TRP B 61 -3.82 -14.76 -3.64
CA TRP B 61 -2.46 -14.96 -3.11
C TRP B 61 -2.00 -16.39 -2.98
N CYS B 62 -2.94 -17.30 -2.78
CA CYS B 62 -2.56 -18.70 -2.60
C CYS B 62 -3.53 -19.57 -3.38
N GLN B 63 -3.07 -20.76 -3.76
CA GLN B 63 -3.88 -21.67 -4.56
C GLN B 63 -4.73 -22.59 -3.67
N PRO B 64 -6.07 -22.44 -3.71
CA PRO B 64 -6.90 -23.46 -3.05
C PRO B 64 -6.62 -24.88 -3.58
N SER B 65 -6.56 -25.84 -2.66
CA SER B 65 -6.24 -27.25 -3.00
C SER B 65 -7.35 -27.88 -3.79
N ASN B 66 -8.56 -27.35 -3.64
CA ASN B 66 -9.68 -27.83 -4.45
C ASN B 66 -9.56 -27.38 -5.89
N GLY B 67 -8.54 -26.58 -6.19
CA GLY B 67 -8.20 -26.26 -7.58
C GLY B 67 -8.94 -25.09 -8.18
N ARG B 68 -9.79 -24.43 -7.39
CA ARG B 68 -10.54 -23.29 -7.92
C ARG B 68 -9.57 -22.16 -8.24
N PHE B 69 -9.95 -21.38 -9.25
CA PHE B 69 -9.06 -20.38 -9.75
C PHE B 69 -8.61 -19.44 -8.63
N SER B 70 -7.28 -19.25 -8.56
CA SER B 70 -6.68 -18.14 -7.85
C SER B 70 -5.56 -17.56 -8.67
N TYR B 71 -5.27 -16.29 -8.48
CA TYR B 71 -4.05 -15.70 -9.04
C TYR B 71 -2.82 -16.30 -8.38
N ASN B 72 -2.98 -16.87 -7.18
CA ASN B 72 -1.86 -17.48 -6.48
C ASN B 72 -0.57 -16.65 -6.59
N GLU B 73 -0.66 -15.38 -6.23
CA GLU B 73 0.50 -14.49 -6.44
C GLU B 73 1.63 -14.85 -5.49
N CYS B 74 1.32 -15.54 -4.40
CA CYS B 74 2.41 -15.99 -3.51
C CYS B 74 3.03 -17.31 -3.93
N HIS B 75 2.41 -17.95 -4.91
CA HIS B 75 2.88 -19.20 -5.48
C HIS B 75 2.96 -20.28 -4.41
N LEU B 76 1.87 -20.49 -3.69
CA LEU B 76 1.84 -21.60 -2.73
C LEU B 76 0.42 -22.04 -2.52
N SER B 77 0.24 -23.25 -2.02
CA SER B 77 -1.09 -23.66 -1.73
C SER B 77 -1.49 -22.89 -0.46
N CYS B 78 -2.78 -22.65 -0.32
CA CYS B 78 -3.27 -21.96 0.86
C CYS B 78 -2.98 -22.77 2.12
N ASP B 79 -2.94 -24.11 2.00
CA ASP B 79 -2.56 -24.95 3.14
C ASP B 79 -1.17 -24.61 3.70
N ALA B 80 -0.26 -24.19 2.81
CA ALA B 80 1.07 -23.75 3.17
C ALA B 80 1.03 -22.57 4.13
N LEU B 81 -0.09 -21.85 4.12
CA LEU B 81 -0.26 -20.66 4.96
C LEU B 81 -0.89 -20.97 6.31
N LEU B 82 -1.03 -22.26 6.61
CA LEU B 82 -1.67 -22.68 7.86
C LEU B 82 -0.72 -23.46 8.74
N THR B 83 0.54 -23.51 8.35
CA THR B 83 1.51 -24.34 9.05
C THR B 83 1.93 -23.66 10.35
N ASP B 84 2.42 -24.44 11.30
CA ASP B 84 2.96 -23.90 12.53
C ASP B 84 4.17 -23.00 12.21
N ASN B 85 4.90 -23.35 11.15
CA ASN B 85 6.04 -22.56 10.69
C ASN B 85 5.49 -21.37 9.91
N ILE B 86 5.72 -20.16 10.40
CA ILE B 86 5.12 -19.01 9.76
C ILE B 86 5.87 -18.51 8.53
N SER B 87 6.96 -19.17 8.16
CA SER B 87 7.86 -18.65 7.15
C SER B 87 7.08 -18.28 5.86
N ASN B 88 6.27 -19.23 5.38
CA ASN B 88 5.49 -19.01 4.16
C ASN B 88 4.53 -17.84 4.30
N SER B 89 3.82 -17.79 5.43
CA SER B 89 2.91 -16.69 5.66
C SER B 89 3.65 -15.36 5.68
N VAL B 90 4.84 -15.35 6.28
CA VAL B 90 5.60 -14.11 6.39
C VAL B 90 6.05 -13.67 5.02
N THR B 91 6.64 -14.59 4.26
CA THR B 91 7.07 -14.28 2.92
C THR B 91 5.92 -13.76 2.06
N CYS B 92 4.78 -14.41 2.14
CA CYS B 92 3.65 -14.03 1.32
C CYS B 92 3.10 -12.67 1.78
N ALA B 93 2.93 -12.48 3.09
CA ALA B 93 2.50 -11.19 3.63
C ALA B 93 3.44 -10.06 3.20
N ARG B 94 4.74 -10.30 3.23
CA ARG B 94 5.71 -9.27 2.85
C ARG B 94 5.56 -8.96 1.37
N LYS B 95 5.27 -10.00 0.59
CA LYS B 95 5.04 -9.80 -0.84
C LYS B 95 3.79 -8.95 -1.03
N ILE B 96 2.72 -9.29 -0.31
CA ILE B 96 1.48 -8.51 -0.41
C ILE B 96 1.75 -7.04 -0.08
N LYS B 97 2.42 -6.83 1.07
CA LYS B 97 2.79 -5.46 1.44
C LYS B 97 3.58 -4.77 0.35
N SER B 98 4.56 -5.47 -0.22
CA SER B 98 5.41 -4.85 -1.21
C SER B 98 4.60 -4.45 -2.44
N GLN B 99 3.56 -5.20 -2.75
CA GLN B 99 2.78 -4.93 -3.96
C GLN B 99 1.66 -3.95 -3.71
N GLN B 100 1.01 -4.09 -2.56
CA GLN B 100 -0.25 -3.40 -2.31
C GLN B 100 -0.23 -2.55 -1.05
N GLY B 101 0.83 -2.69 -0.25
CA GLY B 101 0.98 -1.93 0.97
C GLY B 101 0.25 -2.54 2.14
N TRP B 102 0.58 -2.10 3.33
CA TRP B 102 -0.21 -2.44 4.52
C TRP B 102 -1.68 -2.23 4.30
N THR B 103 -2.00 -1.22 3.48
CA THR B 103 -3.38 -0.84 3.18
C THR B 103 -4.18 -1.98 2.54
N ALA B 104 -3.50 -3.05 2.12
CA ALA B 104 -4.14 -4.26 1.59
C ALA B 104 -4.96 -4.98 2.67
N TRP B 105 -4.58 -4.80 3.93
CA TRP B 105 -5.34 -5.35 5.04
C TRP B 105 -6.37 -4.34 5.48
N SER B 106 -7.63 -4.76 5.59
CA SER B 106 -8.62 -3.79 6.04
C SER B 106 -8.37 -3.42 7.49
N THR B 107 -7.68 -4.31 8.21
CA THR B 107 -7.33 -4.06 9.60
C THR B 107 -6.26 -2.99 9.74
N TRP B 108 -5.67 -2.58 8.62
CA TRP B 108 -4.70 -1.48 8.67
C TRP B 108 -5.35 -0.22 9.24
N LYS B 109 -6.66 -0.07 9.05
CA LYS B 109 -7.42 1.02 9.70
C LYS B 109 -7.08 1.17 11.17
N TYR B 110 -6.86 0.04 11.83
CA TYR B 110 -6.54 0.00 13.25
C TYR B 110 -5.06 0.13 13.48
N CYS B 111 -4.29 -0.40 12.56
CA CYS B 111 -2.88 -0.66 12.80
C CYS B 111 -1.97 0.44 12.26
N SER B 112 -2.59 1.47 11.68
CA SER B 112 -1.86 2.56 11.05
C SER B 112 -1.46 3.67 12.02
N GLY B 113 -1.92 3.61 13.27
CA GLY B 113 -1.62 4.67 14.24
C GLY B 113 -0.26 4.47 14.90
N SER B 114 -0.02 5.21 15.96
CA SER B 114 1.23 5.15 16.70
C SER B 114 1.26 3.96 17.63
N LEU B 115 1.63 2.82 17.07
CA LEU B 115 1.68 1.56 17.80
C LEU B 115 2.83 1.56 18.81
N PRO B 116 2.70 0.73 19.87
CA PRO B 116 3.78 0.69 20.83
C PRO B 116 5.04 0.12 20.19
N SER B 117 6.17 0.55 20.69
CA SER B 117 7.46 0.02 20.29
C SER B 117 7.49 -1.50 20.48
N ILE B 118 8.20 -2.15 19.59
CA ILE B 118 8.39 -3.60 19.68
C ILE B 118 9.64 -3.92 20.49
N ASN B 119 10.31 -2.89 20.99
CA ASN B 119 11.60 -3.09 21.63
C ASN B 119 11.57 -4.01 22.84
N ASP B 120 10.46 -3.97 23.59
CA ASP B 120 10.24 -4.83 24.76
C ASP B 120 10.31 -6.32 24.39
N CYS B 121 10.14 -6.63 23.10
CA CYS B 121 10.19 -8.01 22.60
C CYS B 121 11.59 -8.54 22.36
N PHE B 122 12.58 -7.66 22.42
CA PHE B 122 13.96 -8.00 22.07
C PHE B 122 14.91 -7.87 23.25
S SO4 C . 9.43 3.30 12.83
O1 SO4 C . 9.24 4.68 13.29
O2 SO4 C . 9.73 2.47 14.00
O3 SO4 C . 10.50 3.21 11.86
O4 SO4 C . 8.18 2.82 12.21
S SO4 D . 2.60 23.06 7.56
O1 SO4 D . 3.63 22.01 7.66
O2 SO4 D . 3.17 24.23 8.19
O3 SO4 D . 1.38 22.58 8.26
O4 SO4 D . 2.28 23.37 6.17
C1 PEG E . 1.27 7.67 -12.76
C1 PEG E . 1.98 6.06 -12.70
O1 PEG E . 2.26 8.08 -13.71
O1 PEG E . 1.90 5.38 -13.94
C2 PEG E . 1.93 6.95 -11.59
C2 PEG E . 2.41 7.51 -12.88
O2 PEG E . 2.98 7.76 -11.07
O2 PEG E . 3.13 7.95 -11.71
C3 PEG E . 4.27 7.25 -11.44
C3 PEG E . 4.30 7.17 -11.46
C4 PEG E . 5.36 8.09 -10.79
C4 PEG E . 5.47 8.06 -10.99
O4 PEG E . 5.79 9.19 -11.60
O4 PEG E . 6.56 7.27 -10.47
S SO4 F . 6.12 -14.61 25.05
O1 SO4 F . 7.50 -14.21 24.74
O2 SO4 F . 5.25 -13.45 24.79
O3 SO4 F . 5.97 -14.96 26.46
O4 SO4 F . 5.74 -15.77 24.23
C1 PEG G . -4.35 -10.26 1.48
C1 PEG G . -5.11 -8.32 1.44
O1 PEG G . -5.49 -11.11 1.50
O1 PEG G . -5.67 -8.91 0.26
C2 PEG G . -4.55 -9.20 2.55
C2 PEG G . -4.60 -9.39 2.40
O2 PEG G . -5.54 -9.76 3.40
C3 PEG G . -6.41 -8.72 3.87
C4 PEG G . -7.06 -9.10 5.21
O4 PEG G . -7.10 -10.52 5.48
#